data_4IQ8
#
_entry.id   4IQ8
#
_cell.length_a   116.129
_cell.length_b   116.129
_cell.length_c   119.179
_cell.angle_alpha   90.00
_cell.angle_beta   90.00
_cell.angle_gamma   90.00
#
_symmetry.space_group_name_H-M   'I 41 2 2'
#
loop_
_entity.id
_entity.type
_entity.pdbx_description
1 polymer 'Glyceraldehyde-3-phosphate dehydrogenase 3'
2 water water
#
_entity_poly.entity_id   1
_entity_poly.type   'polypeptide(L)'
_entity_poly.pdbx_seq_one_letter_code
;MGHHHHHHMVRVAINGFGRIGRLVMRIALSRPNVEVVALNDPFITNDYAAYMFKYDSTHGRYAGEVSHDDKHIIVDGKKI
ATYQERDPANLPWGSSNVDIAIDSTGVFKELDTAQKHIDAGAKKVVITAPSSTAPMFVMGVNEEKYTSDLKIVSNASCTT
NCLAPLAKVINDAFGIEEGLMTTVHSLTATQKTVDGPSHKDWRGGRTASGNIIPSSTGAAKAVGKVLPELQGKLTGMAFR
VPTVDVSVVDLTVKLNKETTYDEIKKVVKAAAEGKLKGVLGYTEDAVVSSDFLGDSHSSIFDASAGIQLSPKFVKLVSWY
DNEYGYSTRVVDLVEHVAKA
;
_entity_poly.pdbx_strand_id   A
#
# COMPACT_ATOMS: atom_id res chain seq x y z
N VAL A 10 1.06 4.64 20.69
CA VAL A 10 1.69 5.41 19.58
C VAL A 10 0.78 6.55 19.17
N ARG A 11 1.34 7.75 19.09
CA ARG A 11 0.57 8.92 18.73
C ARG A 11 0.96 9.37 17.33
N VAL A 12 0.01 9.30 16.40
CA VAL A 12 0.29 9.61 15.00
C VAL A 12 -0.44 10.84 14.47
N ALA A 13 0.15 11.47 13.48
CA ALA A 13 -0.50 12.52 12.70
C ALA A 13 -0.53 12.07 11.23
N ILE A 14 -1.57 12.48 10.50
CA ILE A 14 -1.66 12.12 9.08
C ILE A 14 -1.56 13.38 8.23
N ASN A 15 -0.66 13.34 7.26
CA ASN A 15 -0.54 14.44 6.31
C ASN A 15 -1.12 14.02 4.97
N GLY A 16 -2.16 14.73 4.54
CA GLY A 16 -2.87 14.38 3.30
C GLY A 16 -4.14 13.59 3.60
N PHE A 17 -5.17 13.82 2.81
CA PHE A 17 -6.43 13.17 3.05
C PHE A 17 -7.05 12.67 1.74
N GLY A 18 -6.21 12.08 0.89
CA GLY A 18 -6.67 11.34 -0.28
C GLY A 18 -7.08 9.94 0.12
N ARG A 19 -7.18 9.04 -0.85
CA ARG A 19 -7.60 7.65 -0.60
C ARG A 19 -6.81 7.05 0.55
N ILE A 20 -5.48 7.11 0.48
CA ILE A 20 -4.61 6.48 1.46
C ILE A 20 -4.80 7.11 2.81
N GLY A 21 -4.68 8.44 2.87
CA GLY A 21 -4.89 9.20 4.10
C GLY A 21 -6.16 8.79 4.85
N ARG A 22 -7.29 8.77 4.15
CA ARG A 22 -8.59 8.49 4.80
C ARG A 22 -8.71 7.07 5.34
N LEU A 23 -8.26 6.11 4.54
CA LEU A 23 -8.36 4.71 4.92
C LEU A 23 -7.38 4.36 6.02
N VAL A 24 -6.21 4.99 6.00
CA VAL A 24 -5.23 4.80 7.06
C VAL A 24 -5.87 5.28 8.36
N MET A 25 -6.64 6.36 8.27
CA MET A 25 -7.37 6.86 9.42
C MET A 25 -8.45 5.88 9.90
N ARG A 26 -9.21 5.31 8.99
CA ARG A 26 -10.20 4.30 9.36
C ARG A 26 -9.55 3.15 10.13
N ILE A 27 -8.42 2.66 9.61
CA ILE A 27 -7.75 1.49 10.18
C ILE A 27 -7.04 1.82 11.49
N ALA A 28 -6.37 2.97 11.51
CA ALA A 28 -5.68 3.46 12.69
C ALA A 28 -6.65 3.65 13.85
N LEU A 29 -7.86 4.13 13.54
CA LEU A 29 -8.87 4.35 14.58
C LEU A 29 -9.37 3.05 15.22
N SER A 30 -9.21 1.94 14.51
CA SER A 30 -9.54 0.62 15.05
C SER A 30 -8.38 -0.05 15.79
N ARG A 31 -7.18 0.53 15.73
CA ARG A 31 -6.04 -0.02 16.49
C ARG A 31 -6.03 0.59 17.86
N PRO A 32 -6.18 -0.25 18.89
CA PRO A 32 -6.32 0.19 20.27
C PRO A 32 -5.06 0.88 20.79
N ASN A 33 -3.88 0.48 20.28
CA ASN A 33 -2.62 1.10 20.69
C ASN A 33 -2.17 2.29 19.84
N VAL A 34 -3.00 2.68 18.86
CA VAL A 34 -2.73 3.86 18.05
C VAL A 34 -3.70 4.98 18.41
N GLU A 35 -3.14 6.18 18.60
CA GLU A 35 -3.94 7.37 18.82
C GLU A 35 -3.65 8.35 17.69
N VAL A 36 -4.72 8.77 17.00
CA VAL A 36 -4.62 9.68 15.87
C VAL A 36 -4.86 11.10 16.37
N VAL A 37 -3.78 11.87 16.46
CA VAL A 37 -3.82 13.16 17.12
C VAL A 37 -4.30 14.28 16.19
N ALA A 38 -3.82 14.25 14.96
CA ALA A 38 -4.05 15.35 14.04
C ALA A 38 -4.06 14.91 12.58
N LEU A 39 -4.62 15.77 11.74
CA LEU A 39 -4.64 15.61 10.31
C LEU A 39 -4.26 16.93 9.65
N ASN A 40 -3.35 16.89 8.68
CA ASN A 40 -3.03 18.07 7.92
C ASN A 40 -3.43 17.91 6.46
N ASP A 41 -4.25 18.85 5.98
CA ASP A 41 -4.54 18.95 4.56
C ASP A 41 -4.90 20.39 4.25
N PRO A 42 -4.01 21.08 3.51
CA PRO A 42 -4.18 22.51 3.28
C PRO A 42 -5.35 22.84 2.35
N PHE A 43 -5.93 21.84 1.70
CA PHE A 43 -6.88 22.11 0.64
C PHE A 43 -8.33 21.72 0.92
N ILE A 44 -8.63 21.32 2.15
CA ILE A 44 -10.00 21.05 2.56
C ILE A 44 -10.37 21.64 3.93
N THR A 45 -11.64 22.01 4.06
CA THR A 45 -12.19 22.46 5.34
C THR A 45 -12.66 21.28 6.19
N ASN A 46 -12.92 21.51 7.48
CA ASN A 46 -13.33 20.44 8.36
C ASN A 46 -14.63 19.77 7.96
N ASP A 47 -15.61 20.54 7.47
CA ASP A 47 -16.87 19.90 7.10
C ASP A 47 -16.67 18.97 5.91
N TYR A 48 -15.84 19.36 4.95
CA TYR A 48 -15.61 18.55 3.76
C TYR A 48 -14.80 17.31 4.11
N ALA A 49 -13.79 17.49 4.94
CA ALA A 49 -13.01 16.37 5.47
C ALA A 49 -13.90 15.34 6.19
N ALA A 50 -14.83 15.82 7.02
CA ALA A 50 -15.76 14.94 7.71
C ALA A 50 -16.63 14.19 6.70
N TYR A 51 -17.10 14.90 5.68
CA TYR A 51 -17.90 14.28 4.64
C TYR A 51 -17.13 13.17 3.92
N MET A 52 -15.89 13.48 3.52
CA MET A 52 -15.07 12.58 2.72
C MET A 52 -14.71 11.33 3.50
N PHE A 53 -14.49 11.52 4.80
CA PHE A 53 -14.14 10.41 5.66
C PHE A 53 -15.35 9.50 5.84
N LYS A 54 -16.52 10.13 5.94
CA LYS A 54 -17.74 9.43 6.32
C LYS A 54 -18.30 8.57 5.19
N TYR A 55 -18.44 9.14 3.99
CA TYR A 55 -18.98 8.39 2.86
C TYR A 55 -17.87 7.95 1.91
N ASP A 56 -17.86 6.66 1.60
CA ASP A 56 -16.89 6.10 0.68
C ASP A 56 -17.60 5.22 -0.38
N SER A 57 -17.37 5.49 -1.66
CA SER A 57 -18.06 4.73 -2.71
C SER A 57 -17.62 3.28 -2.75
N THR A 58 -16.38 3.04 -2.34
CA THR A 58 -15.80 1.71 -2.44
C THR A 58 -15.96 0.92 -1.13
N HIS A 59 -15.62 1.54 0.00
CA HIS A 59 -15.63 0.81 1.26
C HIS A 59 -16.80 1.09 2.21
N GLY A 60 -17.83 1.77 1.72
CA GLY A 60 -19.02 2.02 2.51
C GLY A 60 -18.94 3.17 3.52
N ARG A 61 -20.08 3.40 4.18
CA ARG A 61 -20.18 4.42 5.21
C ARG A 61 -19.33 4.02 6.39
N TYR A 62 -18.65 5.01 6.98
CA TYR A 62 -17.94 4.74 8.21
C TYR A 62 -18.97 4.28 9.25
N ALA A 63 -18.73 3.15 9.89
CA ALA A 63 -19.70 2.66 10.87
C ALA A 63 -19.43 3.34 12.22
N GLY A 64 -20.01 4.51 12.41
CA GLY A 64 -19.73 5.36 13.57
C GLY A 64 -20.12 6.80 13.28
N GLU A 65 -20.02 7.65 14.30
CA GLU A 65 -20.49 9.03 14.18
C GLU A 65 -19.37 9.97 13.85
N VAL A 66 -19.53 10.69 12.74
CA VAL A 66 -18.50 11.59 12.25
C VAL A 66 -19.11 12.96 12.25
N SER A 67 -18.35 13.93 12.75
CA SER A 67 -18.80 15.31 12.77
C SER A 67 -17.55 16.15 12.91
N HIS A 68 -17.73 17.45 13.14
CA HIS A 68 -16.60 18.36 13.14
C HIS A 68 -16.96 19.60 13.93
N ASP A 69 -15.94 20.27 14.47
CA ASP A 69 -16.09 21.65 14.98
C ASP A 69 -15.04 22.54 14.29
N ASP A 70 -14.88 23.78 14.74
CA ASP A 70 -13.97 24.72 14.04
C ASP A 70 -12.50 24.28 14.03
N LYS A 71 -12.11 23.32 14.88
CA LYS A 71 -10.71 22.89 14.91
C LYS A 71 -10.48 21.38 14.86
N HIS A 72 -11.53 20.60 14.68
CA HIS A 72 -11.39 19.16 14.70
C HIS A 72 -12.26 18.44 13.68
N ILE A 73 -11.84 17.23 13.34
CA ILE A 73 -12.75 16.20 12.84
C ILE A 73 -13.00 15.32 14.06
N ILE A 74 -14.26 15.00 14.30
CA ILE A 74 -14.62 14.22 15.48
C ILE A 74 -15.24 12.88 15.05
N VAL A 75 -14.69 11.79 15.57
CA VAL A 75 -15.14 10.45 15.23
C VAL A 75 -15.32 9.63 16.50
N ASP A 76 -16.57 9.19 16.75
CA ASP A 76 -16.93 8.39 17.92
C ASP A 76 -16.24 8.85 19.21
N GLY A 77 -16.28 10.17 19.48
CA GLY A 77 -15.70 10.73 20.69
C GLY A 77 -14.24 11.14 20.63
N LYS A 78 -13.53 10.70 19.59
CA LYS A 78 -12.16 11.11 19.38
C LYS A 78 -12.10 12.39 18.56
N LYS A 79 -11.58 13.44 19.18
CA LYS A 79 -11.30 14.67 18.46
C LYS A 79 -9.92 14.56 17.78
N ILE A 80 -9.88 14.92 16.50
CA ILE A 80 -8.65 14.90 15.73
C ILE A 80 -8.41 16.31 15.22
N ALA A 81 -7.39 16.97 15.76
CA ALA A 81 -7.12 18.36 15.39
C ALA A 81 -6.72 18.41 13.95
N THR A 82 -7.18 19.44 13.25
CA THR A 82 -6.86 19.57 11.83
C THR A 82 -6.11 20.85 11.52
N TYR A 83 -5.22 20.74 10.54
CA TYR A 83 -4.36 21.85 10.15
C TYR A 83 -4.34 22.03 8.64
N GLN A 84 -4.17 23.28 8.23
CA GLN A 84 -4.27 23.64 6.84
C GLN A 84 -2.92 24.18 6.33
N GLU A 85 -1.83 23.48 6.66
CA GLU A 85 -0.45 23.93 6.38
C GLU A 85 0.17 23.41 5.08
N ARG A 86 0.63 24.33 4.25
CA ARG A 86 1.32 23.98 3.00
C ARG A 86 2.74 23.47 3.26
N ASP A 87 3.40 24.02 4.28
CA ASP A 87 4.73 23.56 4.68
C ASP A 87 4.65 22.80 5.99
N PRO A 88 4.88 21.47 5.93
CA PRO A 88 4.83 20.57 7.07
C PRO A 88 5.72 20.98 8.24
N ALA A 89 6.70 21.86 8.00
CA ALA A 89 7.59 22.35 9.06
C ALA A 89 6.84 23.22 10.06
N ASN A 90 5.81 23.91 9.56
CA ASN A 90 4.96 24.79 10.38
C ASN A 90 3.94 24.05 11.25
N LEU A 91 3.98 22.72 11.24
CA LEU A 91 3.02 21.92 11.99
C LEU A 91 3.49 21.68 13.41
N PRO A 92 2.56 21.77 14.37
CA PRO A 92 2.91 21.62 15.78
C PRO A 92 3.02 20.17 16.22
N TRP A 93 3.92 19.40 15.60
CA TRP A 93 4.07 17.99 15.96
C TRP A 93 4.76 17.79 17.31
N GLY A 94 5.77 18.62 17.57
CA GLY A 94 6.56 18.52 18.80
C GLY A 94 5.68 18.85 19.99
N SER A 95 4.98 19.97 19.86
CA SER A 95 4.06 20.46 20.89
C SER A 95 2.89 19.50 21.13
N SER A 96 2.49 18.78 20.08
CA SER A 96 1.41 17.81 20.18
C SER A 96 1.93 16.45 20.61
N ASN A 97 3.24 16.32 20.69
CA ASN A 97 3.89 15.07 21.09
C ASN A 97 3.47 13.95 20.13
N VAL A 98 3.90 14.09 18.88
CA VAL A 98 3.58 13.12 17.85
C VAL A 98 4.75 12.16 17.68
N ASP A 99 4.48 10.89 17.93
CA ASP A 99 5.48 9.83 17.78
C ASP A 99 5.84 9.59 16.31
N ILE A 100 4.82 9.45 15.44
CA ILE A 100 5.03 9.20 14.02
C ILE A 100 4.11 10.03 13.12
N ALA A 101 4.70 10.79 12.21
CA ALA A 101 3.96 11.47 11.17
C ALA A 101 3.84 10.53 9.96
N ILE A 102 2.63 10.39 9.44
CA ILE A 102 2.37 9.52 8.30
C ILE A 102 2.10 10.38 7.08
N ASP A 103 3.00 10.38 6.11
CA ASP A 103 2.80 11.24 4.95
C ASP A 103 2.20 10.51 3.75
N SER A 104 0.93 10.81 3.50
CA SER A 104 0.17 10.17 2.43
C SER A 104 0.00 11.09 1.22
N THR A 105 0.70 12.22 1.18
CA THR A 105 0.55 13.21 0.09
C THR A 105 1.23 12.81 -1.22
N GLY A 106 2.30 12.02 -1.13
CA GLY A 106 3.08 11.69 -2.31
C GLY A 106 3.92 12.85 -2.83
N VAL A 107 4.11 13.89 -2.03
CA VAL A 107 5.06 14.96 -2.39
C VAL A 107 6.06 15.31 -1.27
N PHE A 108 6.16 14.43 -0.28
CA PHE A 108 7.17 14.55 0.77
C PHE A 108 7.76 13.18 1.03
N LYS A 109 8.32 12.59 -0.03
CA LYS A 109 8.71 11.19 -0.02
C LYS A 109 10.21 10.90 -0.13
N GLU A 110 11.03 11.93 0.00
CA GLU A 110 12.49 11.73 0.01
C GLU A 110 13.06 12.11 1.39
N LEU A 111 14.27 11.65 1.71
CA LEU A 111 14.90 11.86 3.03
C LEU A 111 15.00 13.32 3.45
N ASP A 112 15.09 14.22 2.45
CA ASP A 112 15.28 15.65 2.68
C ASP A 112 13.98 16.42 2.70
N THR A 113 12.97 15.88 2.03
CA THR A 113 11.65 16.52 1.96
C THR A 113 10.77 16.08 3.14
N ALA A 114 10.79 14.79 3.46
CA ALA A 114 10.09 14.24 4.63
C ALA A 114 10.69 14.74 5.94
N GLN A 115 11.99 15.01 5.94
CA GLN A 115 12.71 15.62 7.07
C GLN A 115 11.91 16.75 7.75
N LYS A 116 11.09 17.45 6.96
CA LYS A 116 10.27 18.54 7.46
C LYS A 116 9.34 18.17 8.63
N HIS A 117 8.89 16.92 8.68
CA HIS A 117 8.06 16.47 9.78
C HIS A 117 8.88 16.35 11.05
N ILE A 118 10.13 15.88 10.90
CA ILE A 118 11.05 15.78 12.03
C ILE A 118 11.35 17.18 12.57
N ASP A 119 11.72 18.09 11.67
CA ASP A 119 11.96 19.48 12.02
C ASP A 119 10.79 20.01 12.86
N ALA A 120 9.57 19.70 12.43
CA ALA A 120 8.35 20.18 13.07
C ALA A 120 8.14 19.56 14.44
N GLY A 121 8.79 18.43 14.70
CA GLY A 121 8.78 17.84 16.04
C GLY A 121 8.51 16.35 16.13
N ALA A 122 7.98 15.76 15.06
CA ALA A 122 7.67 14.33 15.04
C ALA A 122 8.95 13.52 15.28
N LYS A 123 8.83 12.40 15.96
CA LYS A 123 9.99 11.54 16.20
C LYS A 123 10.41 10.79 14.92
N LYS A 124 9.48 10.06 14.30
CA LYS A 124 9.77 9.36 13.05
C LYS A 124 8.76 9.68 11.93
N VAL A 125 9.10 9.35 10.68
CA VAL A 125 8.17 9.50 9.55
C VAL A 125 7.98 8.19 8.77
N VAL A 126 6.72 7.89 8.44
CA VAL A 126 6.40 6.77 7.56
C VAL A 126 5.78 7.35 6.30
N ILE A 127 6.37 7.01 5.16
CA ILE A 127 5.94 7.53 3.86
C ILE A 127 5.10 6.48 3.13
N THR A 128 3.92 6.87 2.63
CA THR A 128 3.01 5.91 1.99
C THR A 128 3.19 5.80 0.46
N ALA A 129 4.40 6.08 0.00
CA ALA A 129 4.76 5.87 -1.39
C ALA A 129 6.19 5.31 -1.44
N PRO A 130 6.60 4.77 -2.61
CA PRO A 130 8.01 4.40 -2.80
C PRO A 130 8.91 5.62 -2.67
N SER A 131 10.18 5.40 -2.34
CA SER A 131 11.13 6.48 -2.18
C SER A 131 12.44 6.10 -2.84
N SER A 132 13.17 7.13 -3.27
CA SER A 132 14.53 6.96 -3.79
C SER A 132 15.56 7.01 -2.66
N THR A 133 15.33 7.86 -1.66
CA THR A 133 16.32 8.10 -0.61
C THR A 133 16.03 7.33 0.67
N ALA A 134 14.76 7.30 1.05
CA ALA A 134 14.33 6.67 2.28
C ALA A 134 14.35 5.16 2.11
N PRO A 135 14.84 4.44 3.12
CA PRO A 135 14.80 2.99 3.08
C PRO A 135 13.35 2.49 3.02
N MET A 136 13.14 1.45 2.22
CA MET A 136 11.79 0.91 2.03
C MET A 136 11.59 -0.37 2.82
N PHE A 137 10.40 -0.51 3.42
CA PHE A 137 10.03 -1.75 4.10
C PHE A 137 8.69 -2.31 3.64
N VAL A 138 8.61 -3.64 3.60
CA VAL A 138 7.42 -4.38 3.25
C VAL A 138 7.18 -5.44 4.32
N MET A 139 6.06 -5.33 5.01
CA MET A 139 5.76 -6.27 6.06
C MET A 139 5.78 -7.70 5.56
N GLY A 140 6.44 -8.58 6.31
CA GLY A 140 6.58 -9.98 5.93
C GLY A 140 7.67 -10.21 4.90
N VAL A 141 8.39 -9.15 4.53
CA VAL A 141 9.50 -9.28 3.61
C VAL A 141 10.85 -8.89 4.22
N ASN A 142 10.97 -7.66 4.71
CA ASN A 142 12.24 -7.20 5.25
C ASN A 142 12.12 -6.32 6.49
N GLU A 143 11.08 -6.56 7.27
CA GLU A 143 10.78 -5.68 8.42
C GLU A 143 11.80 -5.87 9.53
N GLU A 144 12.34 -7.08 9.66
CA GLU A 144 13.37 -7.37 10.68
C GLU A 144 14.57 -6.43 10.46
N LYS A 145 14.86 -6.13 9.19
CA LYS A 145 15.94 -5.22 8.80
C LYS A 145 15.70 -3.77 9.24
N TYR A 146 14.57 -3.46 9.86
CA TYR A 146 14.38 -2.12 10.40
C TYR A 146 15.13 -1.99 11.72
N THR A 147 15.76 -0.83 11.93
CA THR A 147 16.46 -0.50 13.18
C THR A 147 16.07 0.91 13.69
N SER A 148 16.02 1.05 15.02
CA SER A 148 15.45 2.21 15.71
C SER A 148 16.05 3.58 15.36
N ASP A 149 17.26 3.58 14.81
CA ASP A 149 17.95 4.83 14.51
C ASP A 149 17.44 5.44 13.22
N LEU A 150 16.79 4.62 12.39
CA LEU A 150 16.23 5.08 11.11
C LEU A 150 14.96 5.89 11.39
N LYS A 151 14.98 7.17 11.01
CA LYS A 151 13.92 8.09 11.41
C LYS A 151 12.88 8.27 10.33
N ILE A 152 13.27 7.98 9.08
CA ILE A 152 12.40 8.15 7.91
C ILE A 152 12.38 6.86 7.06
N VAL A 153 11.23 6.18 7.00
CA VAL A 153 11.06 5.00 6.15
C VAL A 153 9.91 5.16 5.16
N SER A 154 9.81 4.22 4.24
CA SER A 154 8.76 4.21 3.25
C SER A 154 8.17 2.83 3.19
N ASN A 155 6.86 2.76 2.97
CA ASN A 155 6.15 1.49 2.96
C ASN A 155 6.10 0.88 1.56
N ALA A 156 6.85 1.46 0.63
CA ALA A 156 6.84 1.07 -0.78
C ALA A 156 5.47 1.33 -1.42
N SER A 157 5.07 0.51 -2.37
CA SER A 157 3.83 0.72 -3.09
C SER A 157 2.92 -0.48 -2.91
N CYS A 158 1.64 -0.31 -3.22
CA CYS A 158 0.67 -1.40 -3.08
C CYS A 158 0.99 -2.61 -3.95
N THR A 159 1.39 -2.39 -5.20
CA THR A 159 1.71 -3.48 -6.08
C THR A 159 2.97 -4.19 -5.59
N THR A 160 3.93 -3.40 -5.11
CA THR A 160 5.14 -3.93 -4.48
C THR A 160 4.78 -4.79 -3.27
N ASN A 161 3.91 -4.27 -2.39
CA ASN A 161 3.40 -5.07 -1.26
C ASN A 161 2.65 -6.34 -1.65
N CYS A 162 2.15 -6.39 -2.87
CA CYS A 162 1.53 -7.62 -3.35
C CYS A 162 2.55 -8.59 -3.94
N LEU A 163 3.47 -8.08 -4.75
CA LEU A 163 4.47 -8.95 -5.38
C LEU A 163 5.55 -9.48 -4.42
N ALA A 164 6.21 -8.59 -3.68
CA ALA A 164 7.34 -8.98 -2.81
C ALA A 164 7.13 -10.21 -1.91
N PRO A 165 6.04 -10.26 -1.14
CA PRO A 165 5.85 -11.38 -0.19
C PRO A 165 5.75 -12.73 -0.87
N LEU A 166 5.08 -12.76 -2.02
CA LEU A 166 4.98 -13.96 -2.83
C LEU A 166 6.33 -14.30 -3.47
N ALA A 167 6.98 -13.30 -4.06
CA ALA A 167 8.26 -13.52 -4.72
C ALA A 167 9.29 -14.12 -3.73
N LYS A 168 9.36 -13.57 -2.51
CA LYS A 168 10.24 -14.12 -1.49
C LYS A 168 9.97 -15.59 -1.20
N VAL A 169 8.71 -15.92 -0.98
CA VAL A 169 8.27 -17.30 -0.79
C VAL A 169 8.70 -18.21 -1.94
N ILE A 170 8.51 -17.77 -3.18
CA ILE A 170 8.87 -18.60 -4.33
C ILE A 170 10.39 -18.75 -4.51
N ASN A 171 11.12 -17.64 -4.36
CA ASN A 171 12.56 -17.64 -4.50
C ASN A 171 13.26 -18.50 -3.44
N ASP A 172 12.93 -18.28 -2.16
CA ASP A 172 13.43 -19.11 -1.06
C ASP A 172 13.21 -20.61 -1.28
N ALA A 173 12.07 -20.96 -1.88
CA ALA A 173 11.66 -22.36 -2.00
C ALA A 173 12.11 -23.01 -3.29
N PHE A 174 12.10 -22.28 -4.41
CA PHE A 174 12.42 -22.87 -5.71
C PHE A 174 13.42 -22.04 -6.48
N GLY A 175 13.62 -20.82 -6.06
CA GLY A 175 14.48 -19.93 -6.78
C GLY A 175 13.84 -19.28 -7.96
N ILE A 176 14.00 -17.98 -8.06
CA ILE A 176 13.53 -17.27 -9.23
C ILE A 176 14.72 -16.95 -10.10
N GLU A 177 14.74 -17.52 -11.30
CA GLU A 177 15.81 -17.20 -12.24
C GLU A 177 15.50 -15.84 -12.84
N GLU A 178 14.28 -15.72 -13.37
CA GLU A 178 13.77 -14.50 -13.98
C GLU A 178 12.25 -14.47 -13.85
N GLY A 179 11.68 -13.26 -13.85
CA GLY A 179 10.23 -13.12 -13.78
C GLY A 179 9.72 -11.91 -14.54
N LEU A 180 8.63 -12.11 -15.26
CA LEU A 180 7.92 -11.00 -15.91
C LEU A 180 6.48 -10.91 -15.38
N MET A 181 6.14 -9.72 -14.91
CA MET A 181 4.88 -9.49 -14.20
C MET A 181 3.94 -8.55 -14.95
N THR A 182 2.65 -8.87 -14.92
CA THR A 182 1.61 -7.96 -15.35
C THR A 182 0.67 -7.74 -14.17
N THR A 183 0.38 -6.48 -13.85
CA THR A 183 -0.74 -6.19 -12.94
C THR A 183 -1.96 -5.68 -13.71
N VAL A 184 -3.10 -6.35 -13.52
CA VAL A 184 -4.38 -5.86 -14.01
C VAL A 184 -4.95 -4.99 -12.89
N HIS A 185 -4.89 -3.68 -13.13
CA HIS A 185 -5.05 -2.71 -12.08
C HIS A 185 -6.39 -1.98 -12.20
N SER A 186 -7.04 -1.78 -11.06
CA SER A 186 -8.22 -0.93 -11.01
C SER A 186 -7.90 0.53 -11.29
N LEU A 187 -8.93 1.29 -11.64
CA LEU A 187 -8.85 2.75 -11.84
C LEU A 187 -8.17 3.39 -10.66
N THR A 188 -7.40 4.44 -10.93
CA THR A 188 -6.89 5.30 -9.88
C THR A 188 -7.16 6.77 -10.14
N ALA A 189 -6.78 7.60 -9.17
CA ALA A 189 -7.10 9.02 -9.17
C ALA A 189 -6.37 9.85 -10.26
N THR A 190 -5.23 9.35 -10.75
CA THR A 190 -4.46 10.02 -11.81
C THR A 190 -5.13 9.95 -13.20
N GLN A 191 -6.08 9.03 -13.35
CA GLN A 191 -6.81 8.81 -14.58
C GLN A 191 -7.93 9.84 -14.79
N LYS A 192 -8.53 9.84 -15.98
CA LYS A 192 -9.56 10.82 -16.32
C LYS A 192 -10.87 10.12 -16.68
N THR A 193 -11.99 10.80 -16.41
CA THR A 193 -13.30 10.21 -16.67
C THR A 193 -13.62 10.15 -18.17
N VAL A 194 -13.21 11.18 -18.90
CA VAL A 194 -13.26 11.17 -20.35
C VAL A 194 -11.90 11.61 -20.89
N ASP A 195 -11.52 11.20 -22.08
CA ASP A 195 -10.22 11.51 -22.64
C ASP A 195 -9.80 12.90 -22.27
N GLY A 196 -8.76 13.05 -21.46
CA GLY A 196 -8.28 14.36 -21.01
C GLY A 196 -6.76 14.50 -21.09
N PRO A 197 -6.22 15.66 -20.64
CA PRO A 197 -4.77 15.91 -20.64
C PRO A 197 -4.02 15.16 -19.55
N SER A 198 -2.97 14.47 -19.98
CA SER A 198 -2.09 13.71 -19.10
C SER A 198 -0.71 13.68 -19.77
N HIS A 199 -0.03 14.82 -19.73
CA HIS A 199 1.13 15.11 -20.59
C HIS A 199 2.28 14.11 -20.45
N LYS A 200 2.49 13.59 -19.25
CA LYS A 200 3.61 12.69 -19.01
C LYS A 200 3.26 11.22 -19.30
N ASP A 201 1.97 10.95 -19.48
CA ASP A 201 1.45 9.60 -19.58
C ASP A 201 0.23 9.66 -20.48
N TRP A 202 0.46 9.67 -21.79
CA TRP A 202 -0.62 9.89 -22.76
C TRP A 202 -1.78 8.90 -22.62
N ARG A 203 -1.46 7.64 -22.40
CA ARG A 203 -2.48 6.60 -22.34
C ARG A 203 -3.32 6.83 -21.10
N GLY A 204 -2.69 7.26 -20.03
CA GLY A 204 -3.37 7.47 -18.76
C GLY A 204 -4.39 8.60 -18.77
N GLY A 205 -4.41 9.39 -19.85
CA GLY A 205 -5.39 10.46 -20.02
C GLY A 205 -6.70 10.00 -20.65
N ARG A 206 -6.75 8.77 -21.12
CA ARG A 206 -7.86 8.38 -21.95
C ARG A 206 -8.99 7.84 -21.07
N THR A 207 -10.24 7.98 -21.54
CA THR A 207 -11.40 7.56 -20.77
C THR A 207 -11.10 6.31 -19.93
N ALA A 208 -11.13 6.47 -18.61
CA ALA A 208 -10.78 5.42 -17.68
C ALA A 208 -11.75 4.25 -17.74
N SER A 209 -13.06 4.55 -17.77
CA SER A 209 -14.09 3.51 -17.64
C SER A 209 -14.46 2.78 -18.94
N GLY A 210 -13.94 3.26 -20.07
CA GLY A 210 -14.18 2.56 -21.35
C GLY A 210 -12.93 2.03 -22.03
N ASN A 211 -11.84 1.92 -21.28
CA ASN A 211 -10.60 1.43 -21.88
C ASN A 211 -9.88 0.38 -21.03
N ILE A 212 -9.21 -0.56 -21.70
CA ILE A 212 -8.06 -1.26 -21.12
C ILE A 212 -6.90 -0.32 -21.43
N ILE A 213 -6.18 0.12 -20.41
CA ILE A 213 -5.12 1.10 -20.59
C ILE A 213 -3.76 0.57 -20.14
N PRO A 214 -2.88 0.26 -21.10
CA PRO A 214 -1.51 -0.16 -20.78
C PRO A 214 -0.76 0.94 -20.00
N SER A 215 -0.05 0.56 -18.95
CA SER A 215 0.73 1.50 -18.13
C SER A 215 2.06 0.93 -17.72
N SER A 216 3.05 1.80 -17.59
CA SER A 216 4.35 1.38 -17.10
C SER A 216 4.28 1.39 -15.59
N THR A 217 5.03 0.50 -14.95
CA THR A 217 5.11 0.44 -13.49
C THR A 217 6.49 -0.05 -13.03
N GLY A 218 7.04 0.59 -11.99
CA GLY A 218 8.35 0.26 -11.47
C GLY A 218 8.32 -0.80 -10.37
N ALA A 219 7.11 -1.08 -9.87
CA ALA A 219 6.93 -1.96 -8.72
C ALA A 219 7.68 -3.29 -8.80
N ALA A 220 7.90 -3.80 -10.01
CA ALA A 220 8.58 -5.08 -10.17
C ALA A 220 10.09 -5.00 -9.92
N LYS A 221 10.70 -3.92 -10.37
CA LYS A 221 12.10 -3.65 -10.03
C LYS A 221 12.25 -3.22 -8.55
N ALA A 222 11.24 -2.55 -7.99
CA ALA A 222 11.24 -2.10 -6.60
C ALA A 222 11.30 -3.25 -5.58
N VAL A 223 10.85 -4.43 -6.01
CA VAL A 223 11.08 -5.67 -5.27
C VAL A 223 12.59 -5.88 -5.10
N GLY A 224 13.37 -5.41 -6.09
CA GLY A 224 14.83 -5.39 -6.02
C GLY A 224 15.42 -4.70 -4.80
N LYS A 225 14.78 -3.62 -4.35
CA LYS A 225 15.27 -2.84 -3.20
C LYS A 225 14.93 -3.47 -1.84
N VAL A 226 13.77 -4.13 -1.75
CA VAL A 226 13.38 -4.75 -0.49
C VAL A 226 13.92 -6.18 -0.38
N LEU A 227 14.09 -6.82 -1.54
CA LEU A 227 14.75 -8.11 -1.63
C LEU A 227 15.93 -7.98 -2.57
N PRO A 228 17.11 -7.58 -2.03
CA PRO A 228 18.32 -7.34 -2.84
C PRO A 228 18.72 -8.55 -3.69
N GLU A 229 18.46 -9.74 -3.19
CA GLU A 229 18.78 -10.97 -3.93
C GLU A 229 17.99 -11.16 -5.23
N LEU A 230 17.04 -10.26 -5.51
CA LEU A 230 16.21 -10.33 -6.72
C LEU A 230 16.39 -9.14 -7.65
N GLN A 231 17.34 -8.27 -7.31
CA GLN A 231 17.74 -7.16 -8.17
C GLN A 231 17.92 -7.63 -9.61
N GLY A 232 17.26 -6.92 -10.53
CA GLY A 232 17.38 -7.16 -11.97
C GLY A 232 16.83 -8.48 -12.47
N LYS A 233 16.14 -9.22 -11.60
CA LYS A 233 15.56 -10.52 -11.97
C LYS A 233 14.06 -10.41 -12.31
N LEU A 234 13.44 -9.28 -11.95
CA LEU A 234 12.01 -9.05 -12.14
C LEU A 234 11.77 -7.68 -12.74
N THR A 235 10.98 -7.64 -13.79
CA THR A 235 10.35 -6.40 -14.23
C THR A 235 8.93 -6.70 -14.71
N GLY A 236 8.17 -5.66 -15.03
CA GLY A 236 6.80 -5.85 -15.42
C GLY A 236 6.12 -4.64 -16.02
N MET A 237 4.80 -4.75 -16.17
CA MET A 237 3.97 -3.70 -16.75
C MET A 237 2.57 -3.79 -16.12
N ALA A 238 1.69 -2.88 -16.54
CA ALA A 238 0.33 -2.84 -15.99
C ALA A 238 -0.73 -2.58 -17.07
N PHE A 239 -1.91 -3.15 -16.86
CA PHE A 239 -3.11 -2.81 -17.63
C PHE A 239 -4.15 -2.24 -16.68
N ARG A 240 -4.48 -0.97 -16.85
CA ARG A 240 -5.52 -0.33 -16.03
C ARG A 240 -6.87 -0.57 -16.67
N VAL A 241 -7.78 -1.15 -15.89
CA VAL A 241 -9.13 -1.50 -16.31
C VAL A 241 -10.21 -0.85 -15.43
N PRO A 242 -11.46 -0.80 -15.93
CA PRO A 242 -12.49 0.05 -15.36
C PRO A 242 -13.15 -0.45 -14.08
N THR A 243 -12.50 -1.32 -13.32
CA THR A 243 -13.04 -1.68 -12.03
C THR A 243 -12.56 -0.61 -11.06
N VAL A 244 -13.31 -0.35 -9.99
CA VAL A 244 -12.97 0.81 -9.15
C VAL A 244 -11.92 0.53 -8.10
N ASP A 245 -11.79 -0.73 -7.73
CA ASP A 245 -10.76 -1.08 -6.77
C ASP A 245 -10.56 -2.57 -6.78
N VAL A 246 -9.38 -2.97 -6.29
CA VAL A 246 -8.91 -4.34 -6.29
C VAL A 246 -8.19 -4.61 -7.59
N SER A 247 -6.94 -5.06 -7.47
CA SER A 247 -6.08 -5.35 -8.60
C SER A 247 -5.51 -6.76 -8.47
N VAL A 248 -4.89 -7.25 -9.52
CA VAL A 248 -4.35 -8.59 -9.44
C VAL A 248 -3.00 -8.69 -10.14
N VAL A 249 -2.08 -9.47 -9.55
CA VAL A 249 -0.75 -9.66 -10.10
C VAL A 249 -0.69 -10.96 -10.90
N ASP A 250 -0.13 -10.85 -12.10
CA ASP A 250 0.02 -11.97 -13.01
C ASP A 250 1.52 -12.23 -13.19
N LEU A 251 2.06 -13.22 -12.49
CA LEU A 251 3.50 -13.39 -12.44
C LEU A 251 3.96 -14.60 -13.23
N THR A 252 4.71 -14.33 -14.30
CA THR A 252 5.31 -15.38 -15.12
C THR A 252 6.79 -15.49 -14.80
N VAL A 253 7.14 -16.58 -14.11
CA VAL A 253 8.44 -16.74 -13.47
C VAL A 253 9.15 -18.02 -13.94
N LYS A 254 10.41 -17.87 -14.31
CA LYS A 254 11.29 -19.02 -14.62
C LYS A 254 12.01 -19.44 -13.35
N LEU A 255 11.79 -20.68 -12.94
CA LEU A 255 12.32 -21.19 -11.68
C LEU A 255 13.75 -21.78 -11.80
N ASN A 256 14.38 -22.01 -10.65
CA ASN A 256 15.70 -22.63 -10.59
C ASN A 256 15.66 -24.14 -10.36
N LYS A 257 14.77 -24.60 -9.49
CA LYS A 257 14.61 -26.02 -9.22
C LYS A 257 13.27 -26.50 -9.82
N GLU A 258 13.27 -27.71 -10.36
CA GLU A 258 12.05 -28.38 -10.83
C GLU A 258 11.02 -28.56 -9.71
N THR A 259 9.75 -28.45 -10.07
CA THR A 259 8.66 -28.54 -9.10
C THR A 259 7.29 -28.78 -9.76
N THR A 260 6.39 -29.46 -9.05
CA THR A 260 4.99 -29.57 -9.48
C THR A 260 4.25 -28.30 -9.08
N TYR A 261 3.11 -28.05 -9.72
CA TYR A 261 2.26 -26.95 -9.28
C TYR A 261 1.74 -27.23 -7.87
N ASP A 262 1.36 -28.48 -7.66
CA ASP A 262 0.89 -28.96 -6.37
C ASP A 262 1.86 -28.61 -5.24
N GLU A 263 3.16 -28.61 -5.55
CA GLU A 263 4.20 -28.23 -4.57
C GLU A 263 4.24 -26.74 -4.30
N ILE A 264 4.04 -25.95 -5.35
CA ILE A 264 3.91 -24.50 -5.18
C ILE A 264 2.72 -24.15 -4.28
N LYS A 265 1.57 -24.75 -4.57
CA LYS A 265 0.38 -24.54 -3.73
C LYS A 265 0.70 -24.78 -2.26
N LYS A 266 1.25 -25.96 -1.95
CA LYS A 266 1.53 -26.33 -0.55
C LYS A 266 2.49 -25.37 0.15
N VAL A 267 3.55 -24.96 -0.55
CA VAL A 267 4.54 -24.02 0.01
C VAL A 267 3.91 -22.67 0.37
N VAL A 268 3.08 -22.16 -0.54
CA VAL A 268 2.46 -20.85 -0.39
C VAL A 268 1.42 -20.89 0.72
N LYS A 269 0.60 -21.93 0.72
CA LYS A 269 -0.42 -22.09 1.76
C LYS A 269 0.20 -22.16 3.14
N ALA A 270 1.27 -22.96 3.28
CA ALA A 270 2.03 -23.04 4.53
C ALA A 270 2.53 -21.67 4.95
N ALA A 271 3.05 -20.90 4.00
CA ALA A 271 3.52 -19.55 4.31
C ALA A 271 2.37 -18.63 4.75
N ALA A 272 1.20 -18.82 4.14
CA ALA A 272 0.00 -18.03 4.45
C ALA A 272 -0.49 -18.32 5.86
N GLU A 273 -0.42 -19.59 6.25
CA GLU A 273 -0.89 -20.03 7.57
C GLU A 273 0.16 -19.81 8.64
N GLY A 274 1.42 -19.71 8.21
CA GLY A 274 2.56 -19.60 9.11
C GLY A 274 3.06 -18.19 9.35
N LYS A 275 4.27 -17.91 8.90
CA LYS A 275 4.91 -16.63 9.22
C LYS A 275 4.27 -15.43 8.50
N LEU A 276 3.62 -15.69 7.37
CA LEU A 276 3.03 -14.60 6.59
C LEU A 276 1.55 -14.40 6.86
N LYS A 277 0.98 -15.19 7.75
CA LYS A 277 -0.37 -14.97 8.19
C LYS A 277 -0.71 -13.49 8.21
N GLY A 278 -1.81 -13.15 7.59
CA GLY A 278 -2.33 -11.79 7.65
C GLY A 278 -1.75 -10.88 6.60
N VAL A 279 -0.60 -11.26 6.04
CA VAL A 279 0.01 -10.48 4.98
C VAL A 279 -0.21 -11.20 3.66
N LEU A 280 -0.03 -12.51 3.68
CA LEU A 280 -0.19 -13.29 2.48
C LEU A 280 -1.32 -14.27 2.67
N GLY A 281 -2.24 -14.29 1.72
CA GLY A 281 -3.41 -15.13 1.82
C GLY A 281 -3.41 -16.17 0.75
N TYR A 282 -4.28 -17.15 0.92
CA TYR A 282 -4.31 -18.26 0.00
C TYR A 282 -5.76 -18.64 -0.17
N THR A 283 -6.13 -18.92 -1.41
CA THR A 283 -7.46 -19.43 -1.66
C THR A 283 -7.47 -20.39 -2.81
N GLU A 284 -8.46 -21.27 -2.79
CA GLU A 284 -8.69 -22.24 -3.86
C GLU A 284 -10.09 -22.04 -4.48
N ASP A 285 -10.85 -21.07 -3.94
CA ASP A 285 -12.24 -20.86 -4.33
C ASP A 285 -12.37 -20.06 -5.63
N ALA A 286 -13.57 -20.10 -6.22
CA ALA A 286 -13.83 -19.39 -7.48
C ALA A 286 -14.03 -17.85 -7.29
N VAL A 287 -12.97 -17.13 -6.89
CA VAL A 287 -13.02 -15.72 -6.53
C VAL A 287 -12.90 -14.78 -7.72
N VAL A 288 -13.42 -13.56 -7.54
CA VAL A 288 -13.28 -12.45 -8.49
C VAL A 288 -12.95 -11.20 -7.69
N SER A 289 -12.61 -10.11 -8.38
CA SER A 289 -12.01 -8.98 -7.70
C SER A 289 -12.83 -8.49 -6.50
N SER A 290 -14.14 -8.35 -6.68
CA SER A 290 -14.95 -7.75 -5.63
C SER A 290 -14.96 -8.59 -4.34
N ASP A 291 -14.57 -9.85 -4.45
CA ASP A 291 -14.40 -10.69 -3.26
C ASP A 291 -13.25 -10.23 -2.36
N PHE A 292 -12.46 -9.25 -2.81
CA PHE A 292 -11.34 -8.77 -2.01
C PHE A 292 -11.49 -7.33 -1.54
N LEU A 293 -12.65 -6.71 -1.82
CA LEU A 293 -12.93 -5.36 -1.34
C LEU A 293 -12.79 -5.28 0.19
N GLY A 294 -11.88 -4.43 0.65
CA GLY A 294 -11.65 -4.24 2.06
C GLY A 294 -10.90 -5.37 2.75
N ASP A 295 -10.36 -6.30 1.97
CA ASP A 295 -9.49 -7.36 2.50
C ASP A 295 -8.15 -6.74 2.93
N SER A 296 -7.66 -7.11 4.12
CA SER A 296 -6.43 -6.52 4.68
C SER A 296 -5.10 -7.22 4.34
N HIS A 297 -5.15 -8.29 3.55
CA HIS A 297 -3.91 -8.93 3.09
C HIS A 297 -3.22 -8.06 2.04
N SER A 298 -1.91 -8.16 2.01
CA SER A 298 -1.10 -7.53 1.01
C SER A 298 -1.23 -8.26 -0.30
N SER A 299 -1.46 -9.57 -0.20
CA SER A 299 -1.34 -10.47 -1.34
C SER A 299 -2.26 -11.66 -1.06
N ILE A 300 -3.16 -11.99 -1.98
CA ILE A 300 -3.97 -13.22 -1.85
C ILE A 300 -3.76 -14.13 -3.07
N PHE A 301 -3.06 -15.23 -2.83
CA PHE A 301 -2.70 -16.19 -3.87
C PHE A 301 -3.92 -16.93 -4.40
N ASP A 302 -4.13 -16.84 -5.70
CA ASP A 302 -5.22 -17.54 -6.37
C ASP A 302 -4.76 -18.91 -6.88
N ALA A 303 -4.97 -19.93 -6.08
CA ALA A 303 -4.48 -21.25 -6.44
C ALA A 303 -5.06 -21.79 -7.76
N SER A 304 -6.36 -21.63 -7.98
CA SER A 304 -6.99 -22.17 -9.19
C SER A 304 -6.69 -21.41 -10.48
N ALA A 305 -6.40 -20.12 -10.37
CA ALA A 305 -6.19 -19.30 -11.55
C ALA A 305 -4.83 -19.55 -12.16
N GLY A 306 -3.88 -20.04 -11.36
CA GLY A 306 -2.50 -20.22 -11.83
C GLY A 306 -2.34 -21.39 -12.77
N ILE A 307 -1.33 -21.33 -13.62
CA ILE A 307 -1.09 -22.40 -14.57
C ILE A 307 0.41 -22.67 -14.78
N GLN A 308 0.77 -23.96 -14.77
CA GLN A 308 2.16 -24.38 -14.96
C GLN A 308 2.35 -25.03 -16.32
N LEU A 309 3.31 -24.53 -17.10
CA LEU A 309 3.58 -25.10 -18.40
C LEU A 309 4.54 -26.29 -18.31
N SER A 310 5.74 -26.05 -17.79
CA SER A 310 6.75 -27.07 -17.59
C SER A 310 7.27 -26.93 -16.16
N PRO A 311 8.14 -27.86 -15.71
CA PRO A 311 8.45 -27.90 -14.26
C PRO A 311 9.27 -26.73 -13.73
N LYS A 312 9.79 -25.88 -14.62
CA LYS A 312 10.47 -24.66 -14.19
C LYS A 312 9.88 -23.36 -14.80
N PHE A 313 8.66 -23.46 -15.34
CA PHE A 313 8.01 -22.33 -16.03
C PHE A 313 6.53 -22.23 -15.69
N VAL A 314 6.21 -21.25 -14.83
CA VAL A 314 4.92 -21.16 -14.16
C VAL A 314 4.38 -19.72 -14.06
N LYS A 315 3.04 -19.63 -14.07
CA LYS A 315 2.30 -18.39 -14.00
C LYS A 315 1.51 -18.37 -12.70
N LEU A 316 1.81 -17.41 -11.83
CA LEU A 316 1.18 -17.28 -10.54
C LEU A 316 0.27 -16.06 -10.49
N VAL A 317 -0.88 -16.21 -9.82
CA VAL A 317 -1.88 -15.17 -9.74
C VAL A 317 -2.15 -14.80 -8.29
N SER A 318 -1.99 -13.54 -7.96
CA SER A 318 -2.26 -13.07 -6.60
C SER A 318 -3.06 -11.76 -6.58
N TRP A 319 -4.11 -11.73 -5.77
CA TRP A 319 -4.97 -10.56 -5.65
C TRP A 319 -4.48 -9.55 -4.63
N TYR A 320 -4.89 -8.29 -4.79
CA TYR A 320 -4.78 -7.33 -3.71
C TYR A 320 -5.79 -6.20 -3.82
N ASP A 321 -6.33 -5.79 -2.67
CA ASP A 321 -7.15 -4.59 -2.61
C ASP A 321 -6.13 -3.47 -2.58
N ASN A 322 -5.92 -2.83 -3.72
CA ASN A 322 -4.84 -1.85 -3.86
C ASN A 322 -4.94 -0.67 -2.91
N GLU A 323 -6.09 -0.48 -2.28
CA GLU A 323 -6.27 0.62 -1.34
C GLU A 323 -6.18 0.12 0.10
N TYR A 324 -6.91 -0.95 0.40
CA TYR A 324 -7.10 -1.36 1.79
C TYR A 324 -5.95 -2.17 2.36
N GLY A 325 -5.46 -3.15 1.60
CA GLY A 325 -4.33 -3.95 2.02
C GLY A 325 -3.17 -3.05 2.35
N TYR A 326 -2.76 -2.27 1.36
CA TYR A 326 -1.66 -1.35 1.51
C TYR A 326 -1.83 -0.44 2.73
N SER A 327 -3.04 0.11 2.91
CA SER A 327 -3.30 0.98 4.04
C SER A 327 -3.18 0.26 5.39
N THR A 328 -3.53 -1.02 5.45
CA THR A 328 -3.33 -1.82 6.65
C THR A 328 -1.83 -2.03 6.90
N ARG A 329 -1.07 -2.26 5.84
CA ARG A 329 0.38 -2.39 5.96
C ARG A 329 1.03 -1.12 6.46
N VAL A 330 0.51 0.03 6.05
CA VAL A 330 1.04 1.32 6.51
C VAL A 330 0.91 1.39 8.01
N VAL A 331 -0.26 1.01 8.50
CA VAL A 331 -0.55 1.02 9.93
C VAL A 331 0.26 -0.08 10.64
N ASP A 332 0.42 -1.23 10.00
CA ASP A 332 1.32 -2.26 10.51
C ASP A 332 2.77 -1.73 10.66
N LEU A 333 3.29 -1.09 9.62
CA LEU A 333 4.63 -0.51 9.63
C LEU A 333 4.76 0.56 10.71
N VAL A 334 3.71 1.34 10.89
CA VAL A 334 3.67 2.38 11.92
C VAL A 334 3.88 1.77 13.32
N GLU A 335 3.09 0.75 13.65
CA GLU A 335 3.20 0.07 14.94
C GLU A 335 4.54 -0.62 15.11
N HIS A 336 5.07 -1.16 14.02
CA HIS A 336 6.34 -1.87 14.07
C HIS A 336 7.48 -0.92 14.37
N VAL A 337 7.46 0.22 13.68
CA VAL A 337 8.52 1.21 13.77
C VAL A 337 8.59 1.88 15.15
N ALA A 338 7.46 1.95 15.84
CA ALA A 338 7.41 2.50 17.21
C ALA A 338 7.72 1.46 18.28
N LYS A 339 7.51 0.19 17.97
CA LYS A 339 7.82 -0.95 18.84
C LYS A 339 9.33 -1.00 19.08
N ALA A 340 10.07 -0.31 18.22
CA ALA A 340 11.53 -0.28 18.27
C ALA A 340 12.05 0.90 19.11
#